data_5ZGL
# 
_entry.id   5ZGL 
# 
_audit_conform.dict_name       mmcif_pdbx.dic 
_audit_conform.dict_version    5.387 
_audit_conform.dict_location   http://mmcif.pdb.org/dictionaries/ascii/mmcif_pdbx.dic 
# 
loop_
_database_2.database_id 
_database_2.database_code 
_database_2.pdbx_database_accession 
_database_2.pdbx_DOI 
PDB   5ZGL         pdb_00005zgl 10.2210/pdb5zgl/pdb 
WWPDB D_1300007034 ?            ?                   
# 
loop_
_pdbx_audit_revision_history.ordinal 
_pdbx_audit_revision_history.data_content_type 
_pdbx_audit_revision_history.major_revision 
_pdbx_audit_revision_history.minor_revision 
_pdbx_audit_revision_history.revision_date 
1 'Structure model' 1 0 2019-04-03 
2 'Structure model' 1 1 2019-10-16 
3 'Structure model' 1 2 2020-03-04 
4 'Structure model' 1 3 2024-03-27 
# 
_pdbx_audit_revision_details.ordinal             1 
_pdbx_audit_revision_details.revision_ordinal    1 
_pdbx_audit_revision_details.data_content_type   'Structure model' 
_pdbx_audit_revision_details.provider            repository 
_pdbx_audit_revision_details.type                'Initial release' 
_pdbx_audit_revision_details.description         ? 
_pdbx_audit_revision_details.details             ? 
# 
loop_
_pdbx_audit_revision_group.ordinal 
_pdbx_audit_revision_group.revision_ordinal 
_pdbx_audit_revision_group.data_content_type 
_pdbx_audit_revision_group.group 
1 2 'Structure model' 'Data collection'        
2 2 'Structure model' 'Database references'    
3 3 'Structure model' 'Data collection'        
4 4 'Structure model' 'Data collection'        
5 4 'Structure model' 'Database references'    
6 4 'Structure model' 'Refinement description' 
# 
loop_
_pdbx_audit_revision_category.ordinal 
_pdbx_audit_revision_category.revision_ordinal 
_pdbx_audit_revision_category.data_content_type 
_pdbx_audit_revision_category.category 
1 2 'Structure model' citation        
2 2 'Structure model' citation_author 
3 3 'Structure model' reflns_shell    
4 4 'Structure model' chem_comp_atom  
5 4 'Structure model' chem_comp_bond  
6 4 'Structure model' database_2      
7 4 'Structure model' software        
# 
loop_
_pdbx_audit_revision_item.ordinal 
_pdbx_audit_revision_item.revision_ordinal 
_pdbx_audit_revision_item.data_content_type 
_pdbx_audit_revision_item.item 
1  2 'Structure model' '_citation.country'                   
2  2 'Structure model' '_citation.journal_abbrev'            
3  2 'Structure model' '_citation.journal_id_CSD'            
4  2 'Structure model' '_citation.journal_id_ISSN'           
5  2 'Structure model' '_citation.journal_volume'            
6  2 'Structure model' '_citation.page_first'                
7  2 'Structure model' '_citation.page_last'                 
8  2 'Structure model' '_citation.pdbx_database_id_DOI'      
9  2 'Structure model' '_citation.pdbx_database_id_PubMed'   
10 2 'Structure model' '_citation.title'                     
11 2 'Structure model' '_citation.year'                      
12 3 'Structure model' '_reflns_shell.percent_possible_all'  
13 4 'Structure model' '_database_2.pdbx_DOI'                
14 4 'Structure model' '_database_2.pdbx_database_accession' 
15 4 'Structure model' '_software.name'                      
# 
_pdbx_database_status.status_code                     REL 
_pdbx_database_status.status_code_sf                  REL 
_pdbx_database_status.status_code_mr                  ? 
_pdbx_database_status.entry_id                        5ZGL 
_pdbx_database_status.recvd_initial_deposition_date   2018-03-09 
_pdbx_database_status.SG_entry                        N 
_pdbx_database_status.deposit_site                    PDBJ 
_pdbx_database_status.process_site                    PDBJ 
_pdbx_database_status.status_code_cs                  ? 
_pdbx_database_status.methods_development_category    ? 
_pdbx_database_status.pdb_format_compatible           Y 
_pdbx_database_status.status_code_nmr_data            ? 
# 
loop_
_audit_author.name 
_audit_author.pdbx_ordinal 
_audit_author.identifier_ORCID 
'Xie, M.'  1 ? 
'Luo, F.'  2 ? 
'Gui, X.'  3 ? 
'Zhao, M.' 4 ? 
'He, J.'   5 ? 
'Li, D.'   6 ? 
'Liu, C.'  7 ? 
# 
_citation.abstract                  ? 
_citation.abstract_id_CAS           ? 
_citation.book_id_ISBN              ? 
_citation.book_publisher            ? 
_citation.book_publisher_city       ? 
_citation.book_title                ? 
_citation.coordinate_linkage        ? 
_citation.country                   UK 
_citation.database_id_Medline       ? 
_citation.details                   ? 
_citation.id                        primary 
_citation.journal_abbrev            'Nat Commun' 
_citation.journal_id_ASTM           ? 
_citation.journal_id_CSD            ? 
_citation.journal_id_ISSN           2041-1723 
_citation.journal_full              ? 
_citation.journal_issue             ? 
_citation.journal_volume            10 
_citation.language                  ? 
_citation.page_first                2006 
_citation.page_last                 2006 
_citation.title                     
'Structural basis for reversible amyloids of hnRNPA1 elucidates their role in stress granule assembly.' 
_citation.year                      2019 
_citation.database_id_CSD           ? 
_citation.pdbx_database_id_DOI      10.1038/s41467-019-09902-7 
_citation.pdbx_database_id_PubMed   31043593 
_citation.unpublished_flag          ? 
# 
loop_
_citation_author.citation_id 
_citation_author.name 
_citation_author.ordinal 
_citation_author.identifier_ORCID 
primary 'Gui, X.'    1  ?                   
primary 'Luo, F.'    2  ?                   
primary 'Li, Y.'     3  ?                   
primary 'Zhou, H.'   4  0000-0002-6267-1585 
primary 'Qin, Z.'    5  0000-0002-2731-5622 
primary 'Liu, Z.'    6  ?                   
primary 'Gu, J.'     7  ?                   
primary 'Xie, M.'    8  ?                   
primary 'Zhao, K.'   9  ?                   
primary 'Dai, B.'    10 ?                   
primary 'Shin, W.S.' 11 ?                   
primary 'He, J.'     12 ?                   
primary 'He, L.'     13 ?                   
primary 'Jiang, L.'  14 0000-0003-3039-1877 
primary 'Zhao, M.'   15 ?                   
primary 'Sun, B.'    16 0000-0002-4590-7795 
primary 'Li, X.'     17 0000-0002-8451-9947 
primary 'Liu, C.'    18 0000-0003-3425-6672 
primary 'Li, D.'     19 0000-0002-1609-1539 
# 
loop_
_entity.id 
_entity.type 
_entity.src_method 
_entity.pdbx_description 
_entity.formula_weight 
_entity.pdbx_number_of_molecules 
_entity.pdbx_ec 
_entity.pdbx_mutation 
_entity.pdbx_fragment 
_entity.details 
1 polymer syn '7-mer peptide from Heterogeneous nuclear ribonucleoprotein A1' 553.526 2 ? ? ? ? 
2 water   nat water                                                           18.015  4 ? ? ? ? 
# 
_entity_name_com.entity_id   1 
_entity_name_com.name        'hnRNP A1,Helix-destabilizing protein,Single-strand RNA-binding protein,hnRNP core protein A1' 
# 
_entity_poly.entity_id                      1 
_entity_poly.type                           'polypeptide(L)' 
_entity_poly.nstd_linkage                   no 
_entity_poly.nstd_monomer                   no 
_entity_poly.pdbx_seq_one_letter_code       GGGYGGS 
_entity_poly.pdbx_seq_one_letter_code_can   GGGYGGS 
_entity_poly.pdbx_strand_id                 A,B 
_entity_poly.pdbx_target_identifier         ? 
# 
_pdbx_entity_nonpoly.entity_id   2 
_pdbx_entity_nonpoly.name        water 
_pdbx_entity_nonpoly.comp_id     HOH 
# 
loop_
_entity_poly_seq.entity_id 
_entity_poly_seq.num 
_entity_poly_seq.mon_id 
_entity_poly_seq.hetero 
1 1 GLY n 
1 2 GLY n 
1 3 GLY n 
1 4 TYR n 
1 5 GLY n 
1 6 GLY n 
1 7 SER n 
# 
_pdbx_entity_src_syn.entity_id              1 
_pdbx_entity_src_syn.pdbx_src_id            1 
_pdbx_entity_src_syn.pdbx_alt_source_flag   sample 
_pdbx_entity_src_syn.pdbx_beg_seq_num       1 
_pdbx_entity_src_syn.pdbx_end_seq_num       7 
_pdbx_entity_src_syn.organism_scientific    'Homo sapiens' 
_pdbx_entity_src_syn.organism_common_name   Human 
_pdbx_entity_src_syn.ncbi_taxonomy_id       9606 
_pdbx_entity_src_syn.details                ? 
# 
loop_
_chem_comp.id 
_chem_comp.type 
_chem_comp.mon_nstd_flag 
_chem_comp.name 
_chem_comp.pdbx_synonyms 
_chem_comp.formula 
_chem_comp.formula_weight 
GLY 'peptide linking'   y GLYCINE  ? 'C2 H5 N O2'  75.067  
HOH non-polymer         . WATER    ? 'H2 O'        18.015  
SER 'L-peptide linking' y SERINE   ? 'C3 H7 N O3'  105.093 
TYR 'L-peptide linking' y TYROSINE ? 'C9 H11 N O3' 181.189 
# 
loop_
_pdbx_poly_seq_scheme.asym_id 
_pdbx_poly_seq_scheme.entity_id 
_pdbx_poly_seq_scheme.seq_id 
_pdbx_poly_seq_scheme.mon_id 
_pdbx_poly_seq_scheme.ndb_seq_num 
_pdbx_poly_seq_scheme.pdb_seq_num 
_pdbx_poly_seq_scheme.auth_seq_num 
_pdbx_poly_seq_scheme.pdb_mon_id 
_pdbx_poly_seq_scheme.auth_mon_id 
_pdbx_poly_seq_scheme.pdb_strand_id 
_pdbx_poly_seq_scheme.pdb_ins_code 
_pdbx_poly_seq_scheme.hetero 
A 1 1 GLY 1 234 234 GLY GLY A . n 
A 1 2 GLY 2 235 235 GLY GLY A . n 
A 1 3 GLY 3 236 236 GLY GLY A . n 
A 1 4 TYR 4 237 237 TYR TYR A . n 
A 1 5 GLY 5 238 238 GLY GLY A . n 
A 1 6 GLY 6 239 239 GLY GLY A . n 
A 1 7 SER 7 240 240 SER SER A . n 
B 1 1 GLY 1 234 234 GLY GLY B . n 
B 1 2 GLY 2 235 235 GLY GLY B . n 
B 1 3 GLY 3 236 236 GLY GLY B . n 
B 1 4 TYR 4 237 237 TYR TYR B . n 
B 1 5 GLY 5 238 238 GLY GLY B . n 
B 1 6 GLY 6 239 239 GLY GLY B . n 
B 1 7 SER 7 240 240 SER SER B . n 
# 
loop_
_pdbx_nonpoly_scheme.asym_id 
_pdbx_nonpoly_scheme.entity_id 
_pdbx_nonpoly_scheme.mon_id 
_pdbx_nonpoly_scheme.ndb_seq_num 
_pdbx_nonpoly_scheme.pdb_seq_num 
_pdbx_nonpoly_scheme.auth_seq_num 
_pdbx_nonpoly_scheme.pdb_mon_id 
_pdbx_nonpoly_scheme.auth_mon_id 
_pdbx_nonpoly_scheme.pdb_strand_id 
_pdbx_nonpoly_scheme.pdb_ins_code 
C 2 HOH 1 301 1 HOH HOH A . 
C 2 HOH 2 302 3 HOH HOH A . 
C 2 HOH 3 303 2 HOH HOH A . 
D 2 HOH 1 301 4 HOH HOH B . 
# 
loop_
_software.citation_id 
_software.classification 
_software.compiler_name 
_software.compiler_version 
_software.contact_author 
_software.contact_author_email 
_software.date 
_software.description 
_software.dependencies 
_software.hardware 
_software.language 
_software.location 
_software.mods 
_software.name 
_software.os 
_software.os_version 
_software.type 
_software.version 
_software.pdbx_ordinal 
? refinement        ? ? ? ? ? ? ? ? ? ? ? PHENIX   ? ? ? 1.10_2155 1 
? 'data scaling'    ? ? ? ? ? ? ? ? ? ? ? XSCALE   ? ? ? .         2 
? 'data collection' ? ? ? ? ? ? ? ? ? ? ? HKL-2000 ? ? ? .         3 
? phasing           ? ? ? ? ? ? ? ? ? ? ? SHELXD   ? ? ? .         4 
? 'model building'  ? ? ? ? ? ? ? ? ? ? ? SHELXT   ? ? ? .         5 
? 'model building'  ? ? ? ? ? ? ? ? ? ? ? SHELXL   ? ? ? .         6 
# 
_cell.length_a           11.957 
_cell.length_b           10.141 
_cell.length_c           21.372 
_cell.angle_alpha        90.000 
_cell.angle_beta         100.110 
_cell.angle_gamma        90.000 
_cell.entry_id           5ZGL 
_cell.Z_PDB              4 
_cell.pdbx_unique_axis   ? 
# 
_symmetry.space_group_name_H-M             'P 1 21 1' 
_symmetry.entry_id                         5ZGL 
_symmetry.pdbx_full_space_group_name_H-M   ? 
_symmetry.cell_setting                     ? 
_symmetry.Int_Tables_number                4 
# 
_exptl.absorpt_coefficient_mu     ? 
_exptl.absorpt_correction_T_max   ? 
_exptl.absorpt_correction_T_min   ? 
_exptl.absorpt_correction_type    ? 
_exptl.absorpt_process_details    ? 
_exptl.entry_id                   5ZGL 
_exptl.crystals_number            1 
_exptl.details                    ? 
_exptl.method                     'X-RAY DIFFRACTION' 
_exptl.method_details             ? 
# 
_exptl_crystal.colour                      ? 
_exptl_crystal.density_diffrn              ? 
_exptl_crystal.density_Matthews            ? 
_exptl_crystal.density_method              ? 
_exptl_crystal.density_percent_sol         ? 
_exptl_crystal.description                 ? 
_exptl_crystal.F_000                       ? 
_exptl_crystal.id                          1 
_exptl_crystal.preparation                 ? 
_exptl_crystal.size_max                    ? 
_exptl_crystal.size_mid                    ? 
_exptl_crystal.size_min                    ? 
_exptl_crystal.size_rad                    ? 
_exptl_crystal.colour_lustre               ? 
_exptl_crystal.colour_modifier             ? 
_exptl_crystal.colour_primary              ? 
_exptl_crystal.density_meas                ? 
_exptl_crystal.density_meas_esd            ? 
_exptl_crystal.density_meas_gt             ? 
_exptl_crystal.density_meas_lt             ? 
_exptl_crystal.density_meas_temp           ? 
_exptl_crystal.density_meas_temp_esd       ? 
_exptl_crystal.density_meas_temp_gt        ? 
_exptl_crystal.density_meas_temp_lt        ? 
_exptl_crystal.pdbx_crystal_image_url      ? 
_exptl_crystal.pdbx_crystal_image_format   ? 
_exptl_crystal.pdbx_mosaicity              ? 
_exptl_crystal.pdbx_mosaicity_esd          ? 
# 
_exptl_crystal_grow.apparatus       ? 
_exptl_crystal_grow.atmosphere      ? 
_exptl_crystal_grow.crystal_id      1 
_exptl_crystal_grow.details         ? 
_exptl_crystal_grow.method          'VAPOR DIFFUSION, HANGING DROP' 
_exptl_crystal_grow.method_ref      ? 
_exptl_crystal_grow.pH              ? 
_exptl_crystal_grow.pressure        ? 
_exptl_crystal_grow.pressure_esd    ? 
_exptl_crystal_grow.seeding         ? 
_exptl_crystal_grow.seeding_ref     ? 
_exptl_crystal_grow.temp            289.15 
_exptl_crystal_grow.temp_details    ? 
_exptl_crystal_grow.temp_esd        ? 
_exptl_crystal_grow.time            ? 
_exptl_crystal_grow.pdbx_details    '0.2 M  ammonium sulfate, 30% PEG 4000' 
_exptl_crystal_grow.pdbx_pH_range   ? 
# 
_diffrn.ambient_environment    ? 
_diffrn.ambient_temp           80 
_diffrn.ambient_temp_details   ? 
_diffrn.ambient_temp_esd       ? 
_diffrn.crystal_id             1 
_diffrn.crystal_support        ? 
_diffrn.crystal_treatment      ? 
_diffrn.details                ? 
_diffrn.id                     1 
_diffrn.ambient_pressure       ? 
_diffrn.ambient_pressure_esd   ? 
_diffrn.ambient_pressure_gt    ? 
_diffrn.ambient_pressure_lt    ? 
_diffrn.ambient_temp_gt        ? 
_diffrn.ambient_temp_lt        ? 
# 
_diffrn_detector.details                      ? 
_diffrn_detector.detector                     PIXEL 
_diffrn_detector.diffrn_id                    1 
_diffrn_detector.type                         'DECTRIS PILATUS3 S 6M' 
_diffrn_detector.area_resol_mean              ? 
_diffrn_detector.dtime                        ? 
_diffrn_detector.pdbx_frames_total            ? 
_diffrn_detector.pdbx_collection_time_total   ? 
_diffrn_detector.pdbx_collection_date         2016-06-27 
# 
_diffrn_radiation.collimation                      ? 
_diffrn_radiation.diffrn_id                        1 
_diffrn_radiation.filter_edge                      ? 
_diffrn_radiation.inhomogeneity                    ? 
_diffrn_radiation.monochromator                    ? 
_diffrn_radiation.polarisn_norm                    ? 
_diffrn_radiation.polarisn_ratio                   ? 
_diffrn_radiation.probe                            ? 
_diffrn_radiation.type                             ? 
_diffrn_radiation.xray_symbol                      ? 
_diffrn_radiation.wavelength_id                    1 
_diffrn_radiation.pdbx_monochromatic_or_laue_m_l   M 
_diffrn_radiation.pdbx_wavelength_list             ? 
_diffrn_radiation.pdbx_wavelength                  ? 
_diffrn_radiation.pdbx_diffrn_protocol             'SINGLE WAVELENGTH' 
_diffrn_radiation.pdbx_analyzer                    ? 
_diffrn_radiation.pdbx_scattering_type             x-ray 
# 
_diffrn_radiation_wavelength.id           1 
_diffrn_radiation_wavelength.wavelength   0.9791 
_diffrn_radiation_wavelength.wt           1.0 
# 
_diffrn_source.current                     ? 
_diffrn_source.details                     ? 
_diffrn_source.diffrn_id                   1 
_diffrn_source.power                       ? 
_diffrn_source.size                        ? 
_diffrn_source.source                      SYNCHROTRON 
_diffrn_source.target                      ? 
_diffrn_source.type                        'SSRF BEAMLINE BL17U1' 
_diffrn_source.voltage                     ? 
_diffrn_source.take-off_angle              ? 
_diffrn_source.pdbx_wavelength_list        0.9791 
_diffrn_source.pdbx_wavelength             ? 
_diffrn_source.pdbx_synchrotron_beamline   BL17U1 
_diffrn_source.pdbx_synchrotron_site       SSRF 
# 
_reflns.entry_id                     5ZGL 
_reflns.pdbx_diffrn_id               1 
_reflns.pdbx_ordinal                 1 
_reflns.observed_criterion_sigma_I   ? 
_reflns.observed_criterion_sigma_F   ? 
_reflns.d_resolution_low             11.771 
_reflns.d_resolution_high            0.9500 
_reflns.number_obs                   5179 
_reflns.number_all                   ? 
_reflns.percent_possible_obs         ? 
_reflns.pdbx_Rmerge_I_obs            ? 
_reflns.pdbx_Rsym_value              ? 
_reflns.pdbx_netI_over_sigmaI        13.590 
_reflns.B_iso_Wilson_estimate        6.903 
_reflns.pdbx_redundancy              3.267 
_reflns.pdbx_Rrim_I_all              ? 
_reflns.pdbx_Rpim_I_all              ? 
_reflns.pdbx_CC_half                 ? 
_reflns.pdbx_netI_over_av_sigmaI     ? 
_reflns.pdbx_number_measured_all     ? 
_reflns.pdbx_scaling_rejects         ? 
_reflns.pdbx_chi_squared             ? 
_reflns.Rmerge_F_all                 ? 
_reflns.Rmerge_F_obs                 ? 
_reflns.observed_criterion_F_max     ? 
_reflns.observed_criterion_F_min     ? 
_reflns.observed_criterion_I_max     ? 
_reflns.observed_criterion_I_min     ? 
_reflns.pdbx_d_res_high_opt          ? 
_reflns.pdbx_d_res_low_opt           ? 
_reflns.details                      ? 
_reflns.pdbx_CC_star                 ? 
# 
loop_
_reflns_shell.d_res_high 
_reflns_shell.d_res_low 
_reflns_shell.meanI_over_sigI_all 
_reflns_shell.meanI_over_sigI_obs 
_reflns_shell.number_measured_all 
_reflns_shell.number_measured_obs 
_reflns_shell.number_possible 
_reflns_shell.number_unique_all 
_reflns_shell.number_unique_obs 
_reflns_shell.percent_possible_all 
_reflns_shell.percent_possible_obs 
_reflns_shell.Rmerge_F_all 
_reflns_shell.Rmerge_F_obs 
_reflns_shell.Rmerge_I_all 
_reflns_shell.Rmerge_I_obs 
_reflns_shell.meanI_over_sigI_gt 
_reflns_shell.meanI_over_uI_all 
_reflns_shell.meanI_over_uI_gt 
_reflns_shell.number_measured_gt 
_reflns_shell.number_unique_gt 
_reflns_shell.percent_possible_gt 
_reflns_shell.Rmerge_F_gt 
_reflns_shell.Rmerge_I_gt 
_reflns_shell.pdbx_redundancy 
_reflns_shell.pdbx_Rsym_value 
_reflns_shell.pdbx_chi_squared 
_reflns_shell.pdbx_netI_over_sigmaI_all 
_reflns_shell.pdbx_netI_over_sigmaI_obs 
_reflns_shell.pdbx_Rrim_I_all 
_reflns_shell.pdbx_Rpim_I_all 
_reflns_shell.pdbx_rejects 
_reflns_shell.pdbx_ordinal 
_reflns_shell.pdbx_diffrn_id 
_reflns_shell.pdbx_CC_half 
_reflns_shell.pdbx_R_split 
_reflns_shell.pdbx_CC_star 
0.950 0.980  ? 6.640  ? ? ? ? 178 36.200  ? ? ? ? 0.179 ? ? ? ? ? ? ? ? 3.017 ? ? ? ? 0.218 ? ? 1  1 0.962 ? ? 
0.980 1.000  ? 8.630  ? ? ? ? 206 46.400  ? ? ? ? 0.115 ? ? ? ? ? ? ? ? 3.189 ? ? ? ? 0.139 ? ? 2  1 0.984 ? ? 
1.000 1.030  ? 8.480  ? ? ? ? 356 81.100  ? ? ? ? 0.123 ? ? ? ? ? ? ? ? 3.272 ? ? ? ? 0.147 ? ? 3  1 0.991 ? ? 
1.030 1.060  ? 9.460  ? ? ? ? 359 84.900  ? ? ? ? 0.109 ? ? ? ? ? ? ? ? 3.304 ? ? ? ? 0.130 ? ? 4  1 0.990 ? ? 
1.060 1.100  ? 10.240 ? ? ? ? 339 85.400  ? ? ? ? 0.094 ? ? ? ? ? ? ? ? 3.416 ? ? ? ? 0.111 ? ? 5  1 0.995 ? ? 
1.100 1.140  ? 12.720 ? ? ? ? 376 88.700  ? ? ? ? 0.074 ? ? ? ? ? ? ? ? 3.367 ? ? ? ? 0.088 ? ? 6  1 0.994 ? ? 
1.140 1.180  ? 12.760 ? ? ? ? 352 91.200  ? ? ? ? 0.070 ? ? ? ? ? ? ? ? 3.366 ? ? ? ? 0.083 ? ? 7  1 0.997 ? ? 
1.180 1.230  ? 12.850 ? ? ? ? 316 91.300  ? ? ? ? 0.076 ? ? ? ? ? ? ? ? 3.304 ? ? ? ? 0.091 ? ? 8  1 0.998 ? ? 
1.230 1.280  ? 14.060 ? ? ? ? 320 89.100  ? ? ? ? 0.072 ? ? ? ? ? ? ? ? 3.388 ? ? ? ? 0.086 ? ? 9  1 0.993 ? ? 
1.280 1.350  ? 13.700 ? ? ? ? 298 89.500  ? ? ? ? 0.079 ? ? ? ? ? ? ? ? 3.315 ? ? ? ? 0.094 ? ? 10 1 0.987 ? ? 
1.350 1.420  ? 14.150 ? ? ? ? 316 97.800  ? ? ? ? 0.072 ? ? ? ? ? ? ? ? 3.244 ? ? ? ? 0.086 ? ? 11 1 0.988 ? ? 
1.420 1.500  ? 15.710 ? ? ? ? 270 87.700  ? ? ? ? 0.064 ? ? ? ? ? ? ? ? 3.256 ? ? ? ? 0.076 ? ? 12 1 0.992 ? ? 
1.500 1.610  ? 16.680 ? ? ? ? 277 100.000 ? ? ? ? 0.061 ? ? ? ? ? ? ? ? 3.249 ? ? ? ? 0.074 ? ? 13 1 0.992 ? ? 
1.610 1.740  ? 17.070 ? ? ? ? 260 90.900  ? ? ? ? 0.059 ? ? ? ? ? ? ? ? 3.192 ? ? ? ? 0.072 ? ? 14 1 0.994 ? ? 
1.740 1.900  ? 18.260 ? ? ? ? 226 98.700  ? ? ? ? 0.056 ? ? ? ? ? ? ? ? 3.310 ? ? ? ? 0.067 ? ? 15 1 0.994 ? ? 
1.900 2.130  ? 18.430 ? ? ? ? 209 93.300  ? ? ? ? 0.058 ? ? ? ? ? ? ? ? 3.158 ? ? ? ? 0.069 ? ? 16 1 0.991 ? ? 
2.130 2.460  ? 18.840 ? ? ? ? 194 96.500  ? ? ? ? 0.054 ? ? ? ? ? ? ? ? 3.077 ? ? ? ? 0.066 ? ? 17 1 0.992 ? ? 
2.460 3.010  ? 19.140 ? ? ? ? 160 98.200  ? ? ? ? 0.054 ? ? ? ? ? ? ? ? 3.106 ? ? ? ? 0.066 ? ? 18 1 0.994 ? ? 
3.010 4.250  ? 18.750 ? ? ? ? 112 88.200  ? ? ? ? 0.059 ? ? ? ? ? ? ? ? 3.036 ? ? ? ? 0.073 ? ? 19 1 0.992 ? ? 
4.250 11.774 ? 19.240 ? ? ? ? 55  78.600  ? ? ? ? 0.054 ? ? ? ? ? ? ? ? 3.145 ? ? ? ? 0.064 ? ? 20 1 0.997 ? ? 
# 
_refine.entry_id                                 5ZGL 
_refine.pdbx_refine_id                           'X-RAY DIFFRACTION' 
_refine.ls_d_res_high                            0.9500 
_refine.ls_d_res_low                             11.7710 
_refine.pdbx_ls_sigma_F                          1.370 
_refine.pdbx_data_cutoff_high_absF               ? 
_refine.pdbx_data_cutoff_low_absF                ? 
_refine.ls_percent_reflns_obs                    82.4700 
_refine.ls_number_reflns_obs                     5160 
_refine.ls_number_reflns_all                     ? 
_refine.pdbx_ls_cross_valid_method               THROUGHOUT 
_refine.ls_matrix_type                           ? 
_refine.pdbx_R_Free_selection_details            ? 
_refine.details                                  ? 
_refine.ls_R_factor_all                          ? 
_refine.ls_R_factor_obs                          0.1020 
_refine.ls_R_factor_R_work                       0.0998 
_refine.ls_wR_factor_R_work                      ? 
_refine.ls_R_factor_R_free                       0.1211 
_refine.ls_wR_factor_R_free                      ? 
_refine.ls_percent_reflns_R_free                 10.0400 
_refine.ls_number_reflns_R_free                  518 
_refine.ls_number_reflns_R_work                  4642 
_refine.ls_R_factor_R_free_error                 ? 
_refine.B_iso_mean                               7.4997 
_refine.solvent_model_param_bsol                 ? 
_refine.solvent_model_param_ksol                 ? 
_refine.pdbx_isotropic_thermal_model             ? 
_refine.aniso_B[1][1]                            ? 
_refine.aniso_B[2][2]                            ? 
_refine.aniso_B[3][3]                            ? 
_refine.aniso_B[1][2]                            ? 
_refine.aniso_B[1][3]                            ? 
_refine.aniso_B[2][3]                            ? 
_refine.correlation_coeff_Fo_to_Fc               ? 
_refine.correlation_coeff_Fo_to_Fc_free          ? 
_refine.overall_SU_R_Cruickshank_DPI             ? 
_refine.pdbx_overall_SU_R_free_Cruickshank_DPI   ? 
_refine.pdbx_overall_SU_R_Blow_DPI               ? 
_refine.pdbx_overall_SU_R_free_Blow_DPI          ? 
_refine.overall_SU_R_free                        ? 
_refine.pdbx_overall_ESU_R                       ? 
_refine.pdbx_overall_ESU_R_Free                  ? 
_refine.overall_SU_ML                            0.0800 
_refine.overall_SU_B                             ? 
_refine.solvent_model_details                    'FLAT BULK SOLVENT MODEL' 
_refine.pdbx_solvent_vdw_probe_radii             1.1100 
_refine.pdbx_solvent_ion_probe_radii             ? 
_refine.pdbx_solvent_shrinkage_radii             0.9000 
_refine.ls_number_parameters                     ? 
_refine.ls_number_restraints                     ? 
_refine.pdbx_starting_model                      ? 
_refine.pdbx_method_to_determine_struct          ? 
_refine.pdbx_stereochemistry_target_values       ML 
_refine.pdbx_stereochem_target_val_spec_case     ? 
_refine.overall_FOM_work_R_set                   ? 
_refine.B_iso_max                                44.260 
_refine.B_iso_min                                3.510 
_refine.pdbx_overall_phase_error                 14.0600 
_refine.occupancy_max                            ? 
_refine.occupancy_min                            ? 
_refine.pdbx_diffrn_id                           1 
_refine.pdbx_TLS_residual_ADP_flag               ? 
_refine.pdbx_ls_sigma_I                          ? 
_refine.pdbx_data_cutoff_high_rms_absF           ? 
_refine.ls_R_factor_R_free_error_details         ? 
# 
_refine_hist.cycle_id                         final 
_refine_hist.pdbx_refine_id                   'X-RAY DIFFRACTION' 
_refine_hist.d_res_high                       0.9500 
_refine_hist.d_res_low                        11.7710 
_refine_hist.pdbx_number_atoms_ligand         0 
_refine_hist.number_atoms_solvent             4 
_refine_hist.number_atoms_total               82 
_refine_hist.pdbx_number_residues_total       14 
_refine_hist.pdbx_B_iso_mean_solvent          30.63 
_refine_hist.pdbx_number_atoms_protein        78 
_refine_hist.pdbx_number_atoms_nucleic_acid   0 
# 
loop_
_refine_ls_restr.pdbx_refine_id 
_refine_ls_restr.type 
_refine_ls_restr.number 
_refine_ls_restr.dev_ideal 
_refine_ls_restr.dev_ideal_target 
_refine_ls_restr.weight 
_refine_ls_restr.pdbx_restraint_function 
'X-RAY DIFFRACTION' f_bond_d           78  0.012  ? ? ? 
'X-RAY DIFFRACTION' f_angle_d          100 1.193  ? ? ? 
'X-RAY DIFFRACTION' f_chiral_restr     4   0.095  ? ? ? 
'X-RAY DIFFRACTION' f_plane_restr      16  0.014  ? ? ? 
'X-RAY DIFFRACTION' f_dihedral_angle_d 22  15.127 ? ? ? 
# 
loop_
_refine_ls_shell.d_res_high 
_refine_ls_shell.d_res_low 
_refine_ls_shell.pdbx_total_number_of_bins_used 
_refine_ls_shell.percent_reflns_obs 
_refine_ls_shell.number_reflns_R_work 
_refine_ls_shell.R_factor_all 
_refine_ls_shell.R_factor_R_work 
_refine_ls_shell.R_factor_R_free 
_refine_ls_shell.percent_reflns_R_free 
_refine_ls_shell.number_reflns_R_free 
_refine_ls_shell.R_factor_R_free_error 
_refine_ls_shell.number_reflns_all 
_refine_ls_shell.number_reflns_obs 
_refine_ls_shell.pdbx_refine_id 
_refine_ls_shell.R_factor_obs 
0.9500 1.0456  4 58.0000 825  . 0.1285 0.1871 . 90  0.0000 915  . 'X-RAY DIFFRACTION' . 
1.0456 1.1967  4 87.0000 1206 . 0.0953 0.1170 . 134 0.0000 1340 . 'X-RAY DIFFRACTION' . 
1.1967 1.5073  4 91.0000 1281 . 0.0947 0.0998 . 143 0.0000 1424 . 'X-RAY DIFFRACTION' . 
1.5073 11.7722 4 95.0000 1330 . 0.0992 0.1237 . 151 0.0000 1481 . 'X-RAY DIFFRACTION' . 
# 
_struct.entry_id                     5ZGL 
_struct.title                        'hnRNP A1 segment GGGYGGS (residues 234-240)' 
_struct.pdbx_model_details           ? 
_struct.pdbx_formula_weight          ? 
_struct.pdbx_formula_weight_method   ? 
_struct.pdbx_model_type_details      ? 
_struct.pdbx_CASP_flag               N 
# 
_struct_keywords.entry_id        5ZGL 
_struct_keywords.text            'phase separation; reversibility, RNA BINDING PROTEIN' 
_struct_keywords.pdbx_keywords   'RNA BINDING PROTEIN' 
# 
loop_
_struct_asym.id 
_struct_asym.pdbx_blank_PDB_chainid_flag 
_struct_asym.pdbx_modified 
_struct_asym.entity_id 
_struct_asym.details 
A N N 1 ? 
B N N 1 ? 
C N N 2 ? 
D N N 2 ? 
# 
_struct_ref.id                         1 
_struct_ref.db_name                    UNP 
_struct_ref.db_code                    ROA1_HUMAN 
_struct_ref.pdbx_db_accession          P09651 
_struct_ref.pdbx_db_isoform            ? 
_struct_ref.entity_id                  1 
_struct_ref.pdbx_seq_one_letter_code   GGGYGGS 
_struct_ref.pdbx_align_begin           234 
# 
loop_
_struct_ref_seq.align_id 
_struct_ref_seq.ref_id 
_struct_ref_seq.pdbx_PDB_id_code 
_struct_ref_seq.pdbx_strand_id 
_struct_ref_seq.seq_align_beg 
_struct_ref_seq.pdbx_seq_align_beg_ins_code 
_struct_ref_seq.seq_align_end 
_struct_ref_seq.pdbx_seq_align_end_ins_code 
_struct_ref_seq.pdbx_db_accession 
_struct_ref_seq.db_align_beg 
_struct_ref_seq.pdbx_db_align_beg_ins_code 
_struct_ref_seq.db_align_end 
_struct_ref_seq.pdbx_db_align_end_ins_code 
_struct_ref_seq.pdbx_auth_seq_align_beg 
_struct_ref_seq.pdbx_auth_seq_align_end 
1 1 5ZGL A 1 ? 7 ? P09651 234 ? 240 ? 234 240 
2 1 5ZGL B 1 ? 7 ? P09651 234 ? 240 ? 234 240 
# 
loop_
_pdbx_struct_assembly.id 
_pdbx_struct_assembly.details 
_pdbx_struct_assembly.method_details 
_pdbx_struct_assembly.oligomeric_details 
_pdbx_struct_assembly.oligomeric_count 
1 author_defined_assembly ? monomeric 1 
2 author_defined_assembly ? monomeric 1 
# 
loop_
_pdbx_struct_assembly_gen.assembly_id 
_pdbx_struct_assembly_gen.oper_expression 
_pdbx_struct_assembly_gen.asym_id_list 
1 1 A,C 
2 1 B,D 
# 
_pdbx_struct_assembly_auth_evidence.id                     1 
_pdbx_struct_assembly_auth_evidence.assembly_id            1 
_pdbx_struct_assembly_auth_evidence.experimental_support   microscopy 
_pdbx_struct_assembly_auth_evidence.details                ? 
# 
_pdbx_struct_oper_list.id                   1 
_pdbx_struct_oper_list.type                 'identity operation' 
_pdbx_struct_oper_list.name                 1_555 
_pdbx_struct_oper_list.symmetry_operation   x,y,z 
_pdbx_struct_oper_list.matrix[1][1]         1.0000000000 
_pdbx_struct_oper_list.matrix[1][2]         0.0000000000 
_pdbx_struct_oper_list.matrix[1][3]         0.0000000000 
_pdbx_struct_oper_list.vector[1]            0.0000000000 
_pdbx_struct_oper_list.matrix[2][1]         0.0000000000 
_pdbx_struct_oper_list.matrix[2][2]         1.0000000000 
_pdbx_struct_oper_list.matrix[2][3]         0.0000000000 
_pdbx_struct_oper_list.vector[2]            0.0000000000 
_pdbx_struct_oper_list.matrix[3][1]         0.0000000000 
_pdbx_struct_oper_list.matrix[3][2]         0.0000000000 
_pdbx_struct_oper_list.matrix[3][3]         1.0000000000 
_pdbx_struct_oper_list.vector[3]            0.0000000000 
# 
_pdbx_validate_symm_contact.id                1 
_pdbx_validate_symm_contact.PDB_model_num     1 
_pdbx_validate_symm_contact.auth_atom_id_1    N 
_pdbx_validate_symm_contact.auth_asym_id_1    A 
_pdbx_validate_symm_contact.auth_comp_id_1    GLY 
_pdbx_validate_symm_contact.auth_seq_id_1     234 
_pdbx_validate_symm_contact.PDB_ins_code_1    ? 
_pdbx_validate_symm_contact.label_alt_id_1    ? 
_pdbx_validate_symm_contact.site_symmetry_1   1_555 
_pdbx_validate_symm_contact.auth_atom_id_2    O 
_pdbx_validate_symm_contact.auth_asym_id_2    A 
_pdbx_validate_symm_contact.auth_comp_id_2    SER 
_pdbx_validate_symm_contact.auth_seq_id_2     240 
_pdbx_validate_symm_contact.PDB_ins_code_2    ? 
_pdbx_validate_symm_contact.label_alt_id_2    ? 
_pdbx_validate_symm_contact.site_symmetry_2   1_654 
_pdbx_validate_symm_contact.dist              1.87 
# 
loop_
_chem_comp_atom.comp_id 
_chem_comp_atom.atom_id 
_chem_comp_atom.type_symbol 
_chem_comp_atom.pdbx_aromatic_flag 
_chem_comp_atom.pdbx_stereo_config 
_chem_comp_atom.pdbx_ordinal 
GLY N   N N N 1  
GLY CA  C N N 2  
GLY C   C N N 3  
GLY O   O N N 4  
GLY OXT O N N 5  
GLY H   H N N 6  
GLY H2  H N N 7  
GLY HA2 H N N 8  
GLY HA3 H N N 9  
GLY HXT H N N 10 
HOH O   O N N 11 
HOH H1  H N N 12 
HOH H2  H N N 13 
SER N   N N N 14 
SER CA  C N S 15 
SER C   C N N 16 
SER O   O N N 17 
SER CB  C N N 18 
SER OG  O N N 19 
SER OXT O N N 20 
SER H   H N N 21 
SER H2  H N N 22 
SER HA  H N N 23 
SER HB2 H N N 24 
SER HB3 H N N 25 
SER HG  H N N 26 
SER HXT H N N 27 
TYR N   N N N 28 
TYR CA  C N S 29 
TYR C   C N N 30 
TYR O   O N N 31 
TYR CB  C N N 32 
TYR CG  C Y N 33 
TYR CD1 C Y N 34 
TYR CD2 C Y N 35 
TYR CE1 C Y N 36 
TYR CE2 C Y N 37 
TYR CZ  C Y N 38 
TYR OH  O N N 39 
TYR OXT O N N 40 
TYR H   H N N 41 
TYR H2  H N N 42 
TYR HA  H N N 43 
TYR HB2 H N N 44 
TYR HB3 H N N 45 
TYR HD1 H N N 46 
TYR HD2 H N N 47 
TYR HE1 H N N 48 
TYR HE2 H N N 49 
TYR HH  H N N 50 
TYR HXT H N N 51 
# 
loop_
_chem_comp_bond.comp_id 
_chem_comp_bond.atom_id_1 
_chem_comp_bond.atom_id_2 
_chem_comp_bond.value_order 
_chem_comp_bond.pdbx_aromatic_flag 
_chem_comp_bond.pdbx_stereo_config 
_chem_comp_bond.pdbx_ordinal 
GLY N   CA  sing N N 1  
GLY N   H   sing N N 2  
GLY N   H2  sing N N 3  
GLY CA  C   sing N N 4  
GLY CA  HA2 sing N N 5  
GLY CA  HA3 sing N N 6  
GLY C   O   doub N N 7  
GLY C   OXT sing N N 8  
GLY OXT HXT sing N N 9  
HOH O   H1  sing N N 10 
HOH O   H2  sing N N 11 
SER N   CA  sing N N 12 
SER N   H   sing N N 13 
SER N   H2  sing N N 14 
SER CA  C   sing N N 15 
SER CA  CB  sing N N 16 
SER CA  HA  sing N N 17 
SER C   O   doub N N 18 
SER C   OXT sing N N 19 
SER CB  OG  sing N N 20 
SER CB  HB2 sing N N 21 
SER CB  HB3 sing N N 22 
SER OG  HG  sing N N 23 
SER OXT HXT sing N N 24 
TYR N   CA  sing N N 25 
TYR N   H   sing N N 26 
TYR N   H2  sing N N 27 
TYR CA  C   sing N N 28 
TYR CA  CB  sing N N 29 
TYR CA  HA  sing N N 30 
TYR C   O   doub N N 31 
TYR C   OXT sing N N 32 
TYR CB  CG  sing N N 33 
TYR CB  HB2 sing N N 34 
TYR CB  HB3 sing N N 35 
TYR CG  CD1 doub Y N 36 
TYR CG  CD2 sing Y N 37 
TYR CD1 CE1 sing Y N 38 
TYR CD1 HD1 sing N N 39 
TYR CD2 CE2 doub Y N 40 
TYR CD2 HD2 sing N N 41 
TYR CE1 CZ  doub Y N 42 
TYR CE1 HE1 sing N N 43 
TYR CE2 CZ  sing Y N 44 
TYR CE2 HE2 sing N N 45 
TYR CZ  OH  sing N N 46 
TYR OH  HH  sing N N 47 
TYR OXT HXT sing N N 48 
# 
_atom_sites.entry_id                    5ZGL 
_atom_sites.fract_transf_matrix[1][1]   -0.05430105 
_atom_sites.fract_transf_matrix[1][2]   -0.06116552 
_atom_sites.fract_transf_matrix[1][3]   0.02295890 
_atom_sites.fract_transf_matrix[2][1]   -0.07556785 
_atom_sites.fract_transf_matrix[2][2]   0.05589235 
_atom_sites.fract_transf_matrix[2][3]   -0.02982410 
_atom_sites.fract_transf_matrix[3][1]   -0.00231211 
_atom_sites.fract_transf_matrix[3][2]   -0.02474377 
_atom_sites.fract_transf_matrix[3][3]   -0.04051309 
_atom_sites.fract_transf_vector[1]      -0.261394 
_atom_sites.fract_transf_vector[2]      -0.491071 
_atom_sites.fract_transf_vector[3]      -0.484996 
# 
loop_
_atom_type.symbol 
C 
H 
N 
O 
# 
loop_
_atom_site.group_PDB 
_atom_site.id 
_atom_site.type_symbol 
_atom_site.label_atom_id 
_atom_site.label_alt_id 
_atom_site.label_comp_id 
_atom_site.label_asym_id 
_atom_site.label_entity_id 
_atom_site.label_seq_id 
_atom_site.pdbx_PDB_ins_code 
_atom_site.Cartn_x 
_atom_site.Cartn_y 
_atom_site.Cartn_z 
_atom_site.occupancy 
_atom_site.B_iso_or_equiv 
_atom_site.pdbx_formal_charge 
_atom_site.auth_seq_id 
_atom_site.auth_comp_id 
_atom_site.auth_asym_id 
_atom_site.auth_atom_id 
_atom_site.pdbx_PDB_model_num 
ATOM   1   N N   . GLY A 1 1 ? -3.868 2.910  9.098   1.00 13.61 ? 234 GLY A N   1 
ATOM   2   C CA  . GLY A 1 1 ? -3.708 2.101  7.920   1.00 9.41  ? 234 GLY A CA  1 
ATOM   3   C C   . GLY A 1 1 ? -2.850 2.810  6.916   1.00 7.24  ? 234 GLY A C   1 
ATOM   4   O O   . GLY A 1 1 ? -2.166 3.762  7.255   1.00 10.25 ? 234 GLY A O   1 
ATOM   5   H HA2 . GLY A 1 1 ? -3.289 1.259  8.153   1.00 11.29 ? 234 GLY A HA2 1 
ATOM   6   H HA3 . GLY A 1 1 ? -4.574 1.922  7.523   1.00 11.29 ? 234 GLY A HA3 1 
ATOM   7   N N   . GLY A 1 2 ? -2.869 2.339  5.677   1.00 4.86  ? 235 GLY A N   1 
ATOM   8   C CA  . GLY A 1 2 ? -2.048 2.966  4.668   1.00 4.67  ? 235 GLY A CA  1 
ATOM   9   C C   . GLY A 1 2 ? -2.054 2.154  3.405   1.00 4.23  ? 235 GLY A C   1 
ATOM   10  O O   . GLY A 1 2 ? -2.638 1.073  3.317   1.00 4.35  ? 235 GLY A O   1 
ATOM   11  H H   . GLY A 1 2 ? -3.339 1.672  5.405   1.00 5.84  ? 235 GLY A H   1 
ATOM   12  H HA2 . GLY A 1 2 ? -2.388 3.852  4.472   1.00 5.61  ? 235 GLY A HA2 1 
ATOM   13  H HA3 . GLY A 1 2 ? -1.136 3.043  4.987   1.00 5.61  ? 235 GLY A HA3 1 
ATOM   14  N N   . GLY A 1 3 ? -1.445 2.731  2.385   1.00 4.02  ? 236 GLY A N   1 
ATOM   15  C CA  . GLY A 1 3 ? -1.330 2.032  1.126   1.00 4.14  ? 236 GLY A CA  1 
ATOM   16  C C   . GLY A 1 3 ? -0.507 2.818  0.149   1.00 3.73  ? 236 GLY A C   1 
ATOM   17  O O   . GLY A 1 3 ? 0.299  3.674  0.519   1.00 3.82  ? 236 GLY A O   1 
ATOM   18  H H   . GLY A 1 3 ? -1.095 3.516  2.397   1.00 4.83  ? 236 GLY A H   1 
ATOM   19  H HA2 . GLY A 1 3 ? -0.907 1.170  1.267   1.00 4.96  ? 236 GLY A HA2 1 
ATOM   20  H HA3 . GLY A 1 3 ? -2.211 1.888  0.747   1.00 4.96  ? 236 GLY A HA3 1 
ATOM   21  N N   . TYR A 1 4 ? -0.658 2.454  -1.123  1.00 3.99  ? 237 TYR A N   1 
ATOM   22  C CA  . TYR A 1 4 ? 0.107  3.109  -2.179  1.00 3.84  ? 237 TYR A CA  1 
ATOM   23  C C   . TYR A 1 4 ? -0.619 2.903  -3.497  1.00 3.79  ? 237 TYR A C   1 
ATOM   24  O O   . TYR A 1 4 ? -1.488 2.047  -3.616  1.00 3.97  ? 237 TYR A O   1 
ATOM   25  C CB  . TYR A 1 4 ? 1.569  2.566  -2.283  1.00 4.44  ? 237 TYR A CB  1 
ATOM   26  C CG  . TYR A 1 4 ? 1.649  1.334  -3.169  1.00 4.12  ? 237 TYR A CG  1 
ATOM   27  C CD1 . TYR A 1 4 ? 1.267  0.094  -2.711  1.00 4.43  ? 237 TYR A CD1 1 
ATOM   28  C CD2 . TYR A 1 4 ? 2.060  1.429  -4.483  1.00 4.59  ? 237 TYR A CD2 1 
ATOM   29  C CE1 . TYR A 1 4 ? 1.213  -0.993 -3.560  1.00 4.84  ? 237 TYR A CE1 1 
ATOM   30  C CE2 . TYR A 1 4 ? 2.010  0.341  -5.348  1.00 4.89  ? 237 TYR A CE2 1 
ATOM   31  C CZ  . TYR A 1 4 ? 1.576  -0.887 -4.870  1.00 4.55  ? 237 TYR A CZ  1 
ATOM   32  O OH  . TYR A 1 4 ? 1.484  -1.988 -5.671  1.00 5.83  ? 237 TYR A OH  1 
ATOM   33  H H   . TYR A 1 4 ? -1.191 1.837  -1.398  1.00 4.78  ? 237 TYR A H   1 
ATOM   34  H HA  . TYR A 1 4 ? 0.149  4.062  -2.000  1.00 4.61  ? 237 TYR A HA  1 
ATOM   35  H HB2 . TYR A 1 4 ? 2.138  3.252  -2.665  1.00 5.33  ? 237 TYR A HB2 1 
ATOM   36  H HB3 . TYR A 1 4 ? 1.883  2.324  -1.397  1.00 5.33  ? 237 TYR A HB3 1 
ATOM   37  H HD1 . TYR A 1 4 ? 0.957  0.007  -1.839  1.00 5.32  ? 237 TYR A HD1 1 
ATOM   38  H HD2 . TYR A 1 4 ? 2.296  2.263  -4.822  1.00 5.51  ? 237 TYR A HD2 1 
ATOM   39  H HE1 . TYR A 1 4 ? 0.922  -1.814 -3.232  1.00 5.81  ? 237 TYR A HE1 1 
ATOM   40  H HE2 . TYR A 1 4 ? 2.265  0.435  -6.237  1.00 5.86  ? 237 TYR A HE2 1 
ATOM   41  H HH  . TYR A 1 4 ? 1.735  -1.798 -6.450  1.00 7.00  ? 237 TYR A HH  1 
ATOM   42  N N   . GLY A 1 5 ? -0.186 3.643  -4.502  1.00 3.97  ? 238 GLY A N   1 
ATOM   43  C CA  . GLY A 1 5 ? -0.439 3.244  -5.868  1.00 4.27  ? 238 GLY A CA  1 
ATOM   44  C C   . GLY A 1 5 ? 0.649  3.784  -6.775  1.00 4.31  ? 238 GLY A C   1 
ATOM   45  O O   . GLY A 1 5 ? 1.292  4.802  -6.491  1.00 4.79  ? 238 GLY A O   1 
ATOM   46  H H   . GLY A 1 5 ? 0.255  4.376  -4.419  1.00 4.76  ? 238 GLY A H   1 
ATOM   47  H HA2 . GLY A 1 5 ? -0.453 2.276  -5.933  1.00 5.12  ? 238 GLY A HA2 1 
ATOM   48  H HA3 . GLY A 1 5 ? -1.296 3.592  -6.161  1.00 5.12  ? 238 GLY A HA3 1 
ATOM   49  N N   . GLY A 1 6 ? 0.828  3.119  -7.907  1.00 5.29  ? 239 GLY A N   1 
ATOM   50  C CA  . GLY A 1 6 ? 1.788  3.627  -8.870  1.00 6.14  ? 239 GLY A CA  1 
ATOM   51  C C   . GLY A 1 6 ? 1.913  2.697  -10.024 1.00 8.60  ? 239 GLY A C   1 
ATOM   52  O O   . GLY A 1 6 ? 1.456  1.572  -9.985  1.00 10.22 ? 239 GLY A O   1 
ATOM   53  H H   . GLY A 1 6 ? 0.420  2.398  -8.136  1.00 6.34  ? 239 GLY A H   1 
ATOM   54  H HA2 . GLY A 1 6 ? 1.501  4.494  -9.195  1.00 7.37  ? 239 GLY A HA2 1 
ATOM   55  H HA3 . GLY A 1 6 ? 2.657  3.722  -8.449  1.00 7.37  ? 239 GLY A HA3 1 
ATOM   56  N N   . SER A 1 7 ? 2.571  3.192  -11.042 1.00 11.46 ? 240 SER A N   1 
ATOM   57  C CA  . SER A 1 7 ? 2.969  2.347  -12.116 1.00 16.20 ? 240 SER A CA  1 
ATOM   58  C C   . SER A 1 7 ? 3.985  3.104  -12.947 1.00 20.36 ? 240 SER A C   1 
ATOM   59  O O   . SER A 1 7 ? 4.538  2.499  -13.852 1.00 23.39 ? 240 SER A O   1 
ATOM   60  C CB  . SER A 1 7 ? 1.759  1.968  -12.963 1.00 18.24 ? 240 SER A CB  1 
ATOM   61  O OG  . SER A 1 7 ? 1.325  3.091  -13.709 1.00 20.15 ? 240 SER A OG  1 
ATOM   62  O OXT . SER A 1 7 ? 4.255  4.298  -12.776 1.00 20.54 ? 240 SER A OXT 1 
ATOM   63  H H   . SER A 1 7 ? 2.797  4.018  -11.130 1.00 13.75 ? 240 SER A H   1 
ATOM   64  H HA  . SER A 1 7 ? 3.379  1.540  -11.771 1.00 19.44 ? 240 SER A HA  1 
ATOM   65  H HB2 . SER A 1 7 ? 2.007  1.256  -13.572 1.00 21.89 ? 240 SER A HB2 1 
ATOM   66  H HB3 . SER A 1 7 ? 1.040  1.676  -12.380 1.00 21.89 ? 240 SER A HB3 1 
ATOM   67  H HG  . SER A 1 7 ? 0.657  2.884  -14.176 1.00 24.19 ? 240 SER A HG  1 
ATOM   68  N N   . GLY B 1 1 ? -3.622 -3.296 13.183  1.00 7.78  ? 234 GLY B N   1 
ATOM   69  C CA  . GLY B 1 1 ? -3.205 -2.325 12.171  1.00 7.54  ? 234 GLY B CA  1 
ATOM   70  C C   . GLY B 1 1 ? -3.420 -2.851 10.783  1.00 5.76  ? 234 GLY B C   1 
ATOM   71  O O   . GLY B 1 1 ? -4.254 -3.704 10.599  1.00 6.68  ? 234 GLY B O   1 
ATOM   72  H HA2 . GLY B 1 1 ? -3.713 -1.505 12.276  1.00 9.05  ? 234 GLY B HA2 1 
ATOM   73  H HA3 . GLY B 1 1 ? -2.263 -2.121 12.283  1.00 9.05  ? 234 GLY B HA3 1 
ATOM   74  N N   . GLY B 1 2 ? -2.695 -2.346 9.803   1.00 5.63  ? 235 GLY B N   1 
ATOM   75  C CA  . GLY B 1 2 ? -2.780 -2.874 8.462   1.00 4.48  ? 235 GLY B CA  1 
ATOM   76  C C   . GLY B 1 2 ? -2.136 -1.944 7.453   1.00 4.28  ? 235 GLY B C   1 
ATOM   77  O O   . GLY B 1 2 ? -1.641 -0.864 7.780   1.00 5.41  ? 235 GLY B O   1 
ATOM   78  H H   . GLY B 1 2 ? -2.143 -1.693 9.891   1.00 6.76  ? 235 GLY B H   1 
ATOM   79  H HA2 . GLY B 1 2 ? -2.333 -3.734 8.422   1.00 5.38  ? 235 GLY B HA2 1 
ATOM   80  H HA3 . GLY B 1 2 ? -3.711 -2.998 8.220   1.00 5.38  ? 235 GLY B HA3 1 
ATOM   81  N N   . GLY B 1 3 ? -2.107 -2.423 6.222   1.00 3.74  ? 236 GLY B N   1 
ATOM   82  C CA  . GLY B 1 3 ? -1.437 -1.696 5.161   1.00 3.78  ? 236 GLY B CA  1 
ATOM   83  C C   . GLY B 1 3 ? -1.382 -2.541 3.908   1.00 3.67  ? 236 GLY B C   1 
ATOM   84  O O   . GLY B 1 3 ? -1.989 -3.611 3.834   1.00 4.08  ? 236 GLY B O   1 
ATOM   85  H H   . GLY B 1 3 ? -2.467 -3.164 5.975   1.00 4.49  ? 236 GLY B H   1 
ATOM   86  H HA2 . GLY B 1 3 ? -1.918 -0.876 4.968   1.00 4.54  ? 236 GLY B HA2 1 
ATOM   87  H HA3 . GLY B 1 3 ? -0.533 -1.474 5.433   1.00 4.54  ? 236 GLY B HA3 1 
ATOM   88  N N   . TYR B 1 4 ? -0.623 -2.056 2.919   1.00 3.70  ? 237 TYR B N   1 
ATOM   89  C CA  . TYR B 1 4 ? -0.609 -2.671 1.603   1.00 3.51  ? 237 TYR B CA  1 
ATOM   90  C C   . TYR B 1 4 ? 0.691  -2.269 0.907   1.00 3.85  ? 237 TYR B C   1 
ATOM   91  O O   . TYR B 1 4 ? 1.083  -1.102 0.967   1.00 4.23  ? 237 TYR B O   1 
ATOM   92  C CB  . TYR B 1 4 ? -1.821 -2.182 0.786   1.00 4.18  ? 237 TYR B CB  1 
ATOM   93  C CG  . TYR B 1 4 ? -2.011 -2.919 -0.497  1.00 4.10  ? 237 TYR B CG  1 
ATOM   94  C CD1 . TYR B 1 4 ? -2.728 -4.107 -0.552  1.00 4.64  ? 237 TYR B CD1 1 
ATOM   95  C CD2 . TYR B 1 4 ? -1.441 -2.455 -1.679  1.00 4.67  ? 237 TYR B CD2 1 
ATOM   96  C CE1 . TYR B 1 4 ? -2.838 -4.803 -1.755  1.00 5.19  ? 237 TYR B CE1 1 
ATOM   97  C CE2 . TYR B 1 4 ? -1.553 -3.158 -2.860  1.00 5.33  ? 237 TYR B CE2 1 
ATOM   98  C CZ  . TYR B 1 4 ? -2.248 -4.304 -2.887  1.00 5.47  ? 237 TYR B CZ  1 
ATOM   99  O OH  . TYR B 1 4 ? -2.352 -4.998 -4.065  1.00 7.63  ? 237 TYR B OH  1 
ATOM   100 H H   . TYR B 1 4 ? -0.109 -1.370 2.992   1.00 4.44  ? 237 TYR B H   1 
ATOM   101 H HA  . TYR B 1 4 ? -0.645 -3.637 1.684   1.00 4.22  ? 237 TYR B HA  1 
ATOM   102 H HB2 . TYR B 1 4 ? -2.624 -2.297 1.317   1.00 5.01  ? 237 TYR B HB2 1 
ATOM   103 H HB3 . TYR B 1 4 ? -1.698 -1.243 0.574   1.00 5.01  ? 237 TYR B HB3 1 
ATOM   104 H HD1 . TYR B 1 4 ? -3.113 -4.453 0.221   1.00 5.57  ? 237 TYR B HD1 1 
ATOM   105 H HD2 . TYR B 1 4 ? -0.942 -1.670 -1.665  1.00 5.61  ? 237 TYR B HD2 1 
ATOM   106 H HE1 . TYR B 1 4 ? -3.314 -5.602 -1.789  1.00 6.22  ? 237 TYR B HE1 1 
ATOM   107 H HE2 . TYR B 1 4 ? -1.161 -2.832 -3.637  1.00 6.39  ? 237 TYR B HE2 1 
ATOM   108 H HH  . TYR B 1 4 ? -2.799 -5.701 -3.946  1.00 9.15  ? 237 TYR B HH  1 
ATOM   109 N N   . GLY B 1 5 ? 1.346  -3.235 0.233   1.00 3.52  ? 238 GLY B N   1 
ATOM   110 C CA  . GLY B 1 5 ? 2.536  -2.955 -0.534  1.00 3.69  ? 238 GLY B CA  1 
ATOM   111 C C   . GLY B 1 5 ? 2.528  -3.717 -1.851  1.00 3.69  ? 238 GLY B C   1 
ATOM   112 O O   . GLY B 1 5 ? 1.766  -4.669 -2.024  1.00 4.29  ? 238 GLY B O   1 
ATOM   113 H H   . GLY B 1 5 ? 1.105  -4.061 0.215   1.00 4.23  ? 238 GLY B H   1 
ATOM   114 H HA2 . GLY B 1 5 ? 2.588  -2.006 -0.723  1.00 4.43  ? 238 GLY B HA2 1 
ATOM   115 H HA3 . GLY B 1 5 ? 3.322  -3.216 -0.028  1.00 4.43  ? 238 GLY B HA3 1 
ATOM   116 N N   . GLY B 1 6 ? 3.395  -3.316 -2.775  1.00 3.84  ? 239 GLY B N   1 
ATOM   117 C CA  . GLY B 1 6 ? 3.406  -3.942 -4.082  1.00 4.01  ? 239 GLY B CA  1 
ATOM   118 C C   . GLY B 1 6 ? 4.141  -3.112 -5.109  1.00 4.16  ? 239 GLY B C   1 
ATOM   119 O O   . GLY B 1 6 ? 4.700  -2.059 -4.813  1.00 4.48  ? 239 GLY B O   1 
ATOM   120 H H   . GLY B 1 6 ? 3.978  -2.693 -2.668  1.00 4.61  ? 239 GLY B H   1 
ATOM   121 H HA2 . GLY B 1 6 ? 3.837  -4.808 -4.022  1.00 4.81  ? 239 GLY B HA2 1 
ATOM   122 H HA3 . GLY B 1 6 ? 2.494  -4.071 -4.387  1.00 4.81  ? 239 GLY B HA3 1 
ATOM   123 N N   . SER B 1 7 ? 4.131  -3.627 -6.335  1.00 5.05  ? 240 SER B N   1 
ATOM   124 C CA  . SER B 1 7 ? 4.749  -2.962 -7.464  1.00 5.95  ? 240 SER B CA  1 
ATOM   125 C C   . SER B 1 7 ? 3.707  -2.515 -8.505  1.00 7.36  ? 240 SER B C   1 
ATOM   126 O O   . SER B 1 7 ? 4.033  -2.487 -9.696  1.00 7.98  ? 240 SER B O   1 
ATOM   127 C CB  . SER B 1 7 ? 5.832  -3.858 -8.053  1.00 6.57  ? 240 SER B CB  1 
ATOM   128 O OG  . SER B 1 7 ? 5.256  -5.018 -8.554  1.00 7.38  ? 240 SER B OG  1 
ATOM   129 O OXT . SER B 1 7 ? 2.570  -2.111 -8.114  1.00 8.47  ? 240 SER B OXT 1 
ATOM   130 H H   . SER B 1 7 ? 3.762  -4.378 -6.537  1.00 6.06  ? 240 SER B H   1 
ATOM   131 H HA  . SER B 1 7 ? 5.188  -2.161 -7.138  1.00 7.14  ? 240 SER B HA  1 
ATOM   132 H HB2 . SER B 1 7 ? 6.279  -3.386 -8.773  1.00 7.88  ? 240 SER B HB2 1 
ATOM   133 H HB3 . SER B 1 7 ? 6.467  -4.091 -7.358  1.00 7.88  ? 240 SER B HB3 1 
ATOM   134 H HG  . SER B 1 7 ? 5.850  -5.515 -8.880  1.00 8.86  ? 240 SER B HG  1 
HETATM 135 O O   . HOH C 2 . ? 4.380  -0.115 -13.839 1.00 23.88 ? 301 HOH A O   1 
HETATM 136 O O   . HOH C 2 . ? -0.428 -4.120 -6.089  1.00 16.92 ? 302 HOH A O   1 
HETATM 137 O O   . HOH C 2 . ? 4.733  4.536  -16.113 1.00 44.26 ? 303 HOH A O   1 
HETATM 138 O O   . HOH D 2 . ? -3.229 -7.488 -3.826  1.00 37.46 ? 301 HOH B O   1 
# 
loop_
_atom_site_anisotrop.id 
_atom_site_anisotrop.type_symbol 
_atom_site_anisotrop.pdbx_label_atom_id 
_atom_site_anisotrop.pdbx_label_alt_id 
_atom_site_anisotrop.pdbx_label_comp_id 
_atom_site_anisotrop.pdbx_label_asym_id 
_atom_site_anisotrop.pdbx_label_seq_id 
_atom_site_anisotrop.pdbx_PDB_ins_code 
_atom_site_anisotrop.U[1][1] 
_atom_site_anisotrop.U[2][2] 
_atom_site_anisotrop.U[3][3] 
_atom_site_anisotrop.U[1][2] 
_atom_site_anisotrop.U[1][3] 
_atom_site_anisotrop.U[2][3] 
_atom_site_anisotrop.pdbx_auth_seq_id 
_atom_site_anisotrop.pdbx_auth_comp_id 
_atom_site_anisotrop.pdbx_auth_asym_id 
_atom_site_anisotrop.pdbx_auth_atom_id 
1   N N   . GLY A 1 ? 0.2048 0.1984 0.1140 -0.0836 0.0603  -0.0581 234 GLY A N   
2   C CA  . GLY A 1 ? 0.1411 0.1309 0.0855 -0.0762 0.0460  -0.0430 234 GLY A CA  
3   C C   . GLY A 1 ? 0.1071 0.0936 0.0743 -0.0556 0.0356  -0.0300 234 GLY A C   
4   O O   . GLY A 1 ? 0.1589 0.1384 0.0921 -0.0777 0.0504  -0.0454 234 GLY A O   
7   N N   . GLY A 2 ? 0.0743 0.0516 0.0589 -0.0180 0.0094  -0.0082 235 GLY A N   
8   C CA  . GLY A 2 ? 0.0739 0.0521 0.0515 -0.0145 0.0034  -0.0043 235 GLY A CA  
9   C C   . GLY A 2 ? 0.0633 0.0434 0.0541 -0.0177 -0.0013 -0.0013 235 GLY A C   
10  O O   . GLY A 2 ? 0.0601 0.0545 0.0507 -0.0099 -0.0013 -0.0001 235 GLY A O   
14  N N   . GLY A 3 ? 0.0544 0.0465 0.0519 -0.0103 0.0002  -0.0033 236 GLY A N   
15  C CA  . GLY A 3 ? 0.0572 0.0556 0.0444 -0.0120 -0.0017 0.0020  236 GLY A CA  
16  C C   . GLY A 3 ? 0.0496 0.0467 0.0451 -0.0024 -0.0038 0.0029  236 GLY A C   
17  O O   . GLY A 3 ? 0.0514 0.0485 0.0452 -0.0146 0.0012  0.0027  236 GLY A O   
21  N N   . TYR A 4 ? 0.0571 0.0477 0.0467 -0.0102 -0.0061 -0.0011 237 TYR A N   
22  C CA  . TYR A 4 ? 0.0489 0.0567 0.0403 -0.0101 0.0031  -0.0021 237 TYR A CA  
23  C C   . TYR A 4 ? 0.0463 0.0506 0.0470 -0.0075 -0.0007 -0.0007 237 TYR A C   
24  O O   . TYR A 4 ? 0.0525 0.0550 0.0433 -0.0125 -0.0081 -0.0004 237 TYR A O   
25  C CB  . TYR A 4 ? 0.0515 0.0629 0.0543 -0.0094 0.0054  -0.0014 237 TYR A CB  
26  C CG  . TYR A 4 ? 0.0521 0.0482 0.0562 -0.0041 0.0037  0.0005  237 TYR A CG  
27  C CD1 . TYR A 4 ? 0.0510 0.0602 0.0574 0.0056  0.0019  0.0019  237 TYR A CD1 
28  C CD2 . TYR A 4 ? 0.0520 0.0613 0.0611 -0.0015 0.0087  0.0039  237 TYR A CD2 
29  C CE1 . TYR A 4 ? 0.0514 0.0617 0.0708 0.0139  -0.0007 -0.0059 237 TYR A CE1 
30  C CE2 . TYR A 4 ? 0.0590 0.0713 0.0554 0.0053  0.0075  0.0035  237 TYR A CE2 
31  C CZ  . TYR A 4 ? 0.0522 0.0582 0.0623 0.0099  0.0001  0.0017  237 TYR A CZ  
32  O OH  . TYR A 4 ? 0.0871 0.0688 0.0657 0.0072  0.0053  -0.0043 237 TYR A OH  
42  N N   . GLY A 5 ? 0.0554 0.0471 0.0482 -0.0112 -0.0001 0.0027  238 GLY A N   
43  C CA  . GLY A 5 ? 0.0610 0.0541 0.0472 -0.0140 -0.0001 0.0041  238 GLY A CA  
44  C C   . GLY A 5 ? 0.0567 0.0577 0.0495 -0.0090 -0.0075 0.0071  238 GLY A C   
45  O O   . GLY A 5 ? 0.0692 0.0595 0.0533 -0.0289 -0.0029 0.0019  238 GLY A O   
49  N N   . GLY A 6 ? 0.0718 0.0727 0.0565 -0.0091 -0.0024 0.0068  239 GLY A N   
50  C CA  . GLY A 6 ? 0.0665 0.1133 0.0534 -0.0088 0.0021  0.0133  239 GLY A CA  
51  C C   . GLY A 6 ? 0.1125 0.1501 0.0641 -0.0058 0.0303  -0.0027 239 GLY A C   
52  O O   . GLY A 6 ? 0.1611 0.1427 0.0846 -0.0151 0.0454  -0.0252 239 GLY A O   
56  N N   . SER A 7 ? 0.1653 0.1908 0.0793 -0.0171 0.0517  -0.0071 240 SER A N   
57  C CA  . SER A 7 ? 0.2523 0.2324 0.1308 -0.0403 0.0663  -0.0466 240 SER A CA  
58  C C   . SER A 7 ? 0.3282 0.2720 0.1732 -0.0613 0.0972  -0.0765 240 SER A C   
59  O O   . SER A 7 ? 0.3626 0.3248 0.2012 -0.0568 0.1075  -0.0920 240 SER A O   
60  C CB  . SER A 7 ? 0.3052 0.2323 0.1554 -0.0380 0.0379  -0.0554 240 SER A CB  
61  O OG  . SER A 7 ? 0.3448 0.2553 0.1656 -0.0317 0.0067  -0.0569 240 SER A OG  
62  O OXT . SER A 7 ? 0.3702 0.2261 0.1841 -0.0862 0.0911  -0.0737 240 SER A OXT 
68  N N   . GLY B 1 ? 0.1037 0.1352 0.0566 -0.0075 0.0048  -0.0108 234 GLY B N   
69  C CA  . GLY B 1 ? 0.1092 0.1215 0.0558 -0.0220 0.0124  -0.0186 234 GLY B CA  
70  C C   . GLY B 1 ? 0.0829 0.0901 0.0457 -0.0170 0.0012  -0.0092 234 GLY B C   
71  O O   . GLY B 1 ? 0.1106 0.0997 0.0433 -0.0342 0.0178  -0.0102 234 GLY B O   
74  N N   . GLY B 2 ? 0.0752 0.0923 0.0466 -0.0215 0.0089  -0.0083 235 GLY B N   
75  C CA  . GLY B 2 ? 0.0625 0.0609 0.0470 -0.0099 0.0099  -0.0053 235 GLY B CA  
76  C C   . GLY B 2 ? 0.0568 0.0550 0.0510 -0.0034 0.0053  -0.0021 235 GLY B C   
77  O O   . GLY B 2 ? 0.0797 0.0658 0.0599 -0.0240 0.0108  -0.0127 235 GLY B O   
81  N N   . GLY B 3 ? 0.0503 0.0460 0.0457 -0.0054 0.0103  0.0012  236 GLY B N   
82  C CA  . GLY B 3 ? 0.0502 0.0459 0.0476 -0.0054 0.0060  -0.0025 236 GLY B CA  
83  C C   . GLY B 3 ? 0.0514 0.0408 0.0472 -0.0044 0.0066  -0.0049 236 GLY B C   
84  O O   . GLY B 3 ? 0.0627 0.0480 0.0445 -0.0100 0.0091  -0.0123 236 GLY B O   
88  N N   . TYR B 4 ? 0.0432 0.0454 0.0520 -0.0073 0.0115  -0.0040 237 TYR B N   
89  C CA  . TYR B 4 ? 0.0431 0.0479 0.0426 -0.0054 0.0078  0.0004  237 TYR B CA  
90  C C   . TYR B 4 ? 0.0512 0.0482 0.0468 -0.0125 0.0001  -0.0017 237 TYR B C   
91  O O   . TYR B 4 ? 0.0579 0.0474 0.0555 -0.0153 0.0145  -0.0040 237 TYR B O   
92  C CB  . TYR B 4 ? 0.0516 0.0523 0.0548 -0.0069 0.0096  -0.0038 237 TYR B CB  
93  C CG  . TYR B 4 ? 0.0439 0.0574 0.0545 -0.0065 -0.0023 -0.0019 237 TYR B CG  
94  C CD1 . TYR B 4 ? 0.0515 0.0528 0.0720 -0.0168 -0.0142 -0.0019 237 TYR B CD1 
95  C CD2 . TYR B 4 ? 0.0574 0.0570 0.0632 0.0005  0.0021  0.0003  237 TYR B CD2 
96  C CE1 . TYR B 4 ? 0.0656 0.0540 0.0774 -0.0071 -0.0168 -0.0067 237 TYR B CE1 
97  C CE2 . TYR B 4 ? 0.0794 0.0640 0.0590 0.0024  -0.0079 0.0006  237 TYR B CE2 
98  C CZ  . TYR B 4 ? 0.0802 0.0591 0.0683 0.0038  -0.0178 -0.0083 237 TYR B CZ  
99  O OH  . TYR B 4 ? 0.1241 0.0831 0.0826 0.0068  -0.0295 -0.0236 237 TYR B OH  
109 N N   . GLY B 5 ? 0.0537 0.0363 0.0439 -0.0080 0.0050  -0.0022 238 GLY B N   
110 C CA  . GLY B 5 ? 0.0431 0.0485 0.0486 -0.0089 0.0121  -0.0044 238 GLY B CA  
111 C C   . GLY B 5 ? 0.0463 0.0512 0.0427 -0.0018 0.0054  -0.0056 238 GLY B C   
112 O O   . GLY B 5 ? 0.0672 0.0490 0.0470 -0.0142 0.0028  -0.0074 238 GLY B O   
116 N N   . GLY B 6 ? 0.0486 0.0534 0.0438 -0.0029 0.0040  -0.0043 239 GLY B N   
117 C CA  . GLY B 6 ? 0.0538 0.0562 0.0422 -0.0054 0.0072  -0.0073 239 GLY B CA  
118 C C   . GLY B 6 ? 0.0489 0.0666 0.0427 -0.0097 0.0041  -0.0062 239 GLY B C   
119 O O   . GLY B 6 ? 0.0558 0.0642 0.0499 -0.0174 0.0055  0.0000  239 GLY B O   
123 N N   . SER B 7 ? 0.0799 0.0619 0.0501 -0.0206 0.0079  -0.0099 240 SER B N   
124 C CA  . SER B 7 ? 0.0840 0.0878 0.0543 -0.0215 0.0006  -0.0156 240 SER B CA  
125 C C   . SER B 7 ? 0.1152 0.1121 0.0524 0.0090  0.0098  -0.0040 240 SER B C   
126 O O   . SER B 7 ? 0.1307 0.1173 0.0551 0.0014  0.0003  -0.0044 240 SER B O   
127 C CB  . SER B 7 ? 0.0900 0.0921 0.0674 -0.0214 0.0037  -0.0151 240 SER B CB  
128 O OG  . SER B 7 ? 0.1036 0.1022 0.0748 -0.0120 0.0159  -0.0170 240 SER B OG  
129 O OXT . SER B 7 ? 0.1186 0.1388 0.0643 0.0219  0.0157  -0.0013 240 SER B OXT 
135 O O   . HOH C . ? 0.4435 0.3038 0.1599 -0.2098 0.0368  -0.0215 301 HOH A O   
136 O O   . HOH C . ? 0.3696 0.1380 0.1354 -0.0583 0.0208  -0.0216 302 HOH A O   
137 O O   . HOH C . ? 0.4834 0.5243 0.6739 -0.2288 -0.1320 -0.1502 303 HOH A O   
138 O O   . HOH D . ? 0.6555 0.2132 0.5545 -0.1160 0.0826  0.0068  301 HOH B O   
# 
